data_2FNE
#
_entry.id   2FNE
#
_cell.length_a   47.943
_cell.length_b   62.380
_cell.length_c   53.128
_cell.angle_alpha   90.00
_cell.angle_beta   106.26
_cell.angle_gamma   90.00
#
_symmetry.space_group_name_H-M   'P 1 21 1'
#
loop_
_entity.id
_entity.type
_entity.pdbx_description
1 polymer 'Multiple PDZ domain protein'
2 water water
#
_entity_poly.entity_id   1
_entity_poly.type   'polypeptide(L)'
_entity_poly.pdbx_seq_one_letter_code
;MHHHHHHSSGVDLGTENLYFQSMPQCKSITLERGPDGLGFSIVGGYGSPHGDLPIYVKTVFAKGAASEDGRLKRGDQIIA
VNGQSLEGVTHEEAVAILKRTKGTVTLMVLSSDETSV
;
_entity_poly.pdbx_strand_id   A,B,C
#
# COMPACT_ATOMS: atom_id res chain seq x y z
N MET A 23 -11.08 -3.37 -2.85
CA MET A 23 -12.56 -3.44 -3.08
C MET A 23 -13.15 -2.07 -3.43
N PRO A 24 -13.16 -1.72 -4.74
CA PRO A 24 -13.56 -0.38 -5.20
C PRO A 24 -15.07 -0.19 -5.21
N GLN A 25 -15.54 0.83 -4.51
CA GLN A 25 -16.97 1.02 -4.36
CA GLN A 25 -16.96 1.07 -4.24
C GLN A 25 -17.48 2.38 -4.84
N CYS A 26 -18.70 2.34 -5.38
CA CYS A 26 -19.40 3.54 -5.82
C CYS A 26 -20.09 4.26 -4.64
N LYS A 27 -19.88 5.56 -4.50
CA LYS A 27 -20.51 6.37 -3.40
C LYS A 27 -21.21 7.59 -4.00
N SER A 28 -22.22 8.13 -3.32
CA SER A 28 -22.81 9.39 -3.73
C SER A 28 -22.58 10.38 -2.60
N ILE A 29 -21.88 11.47 -2.88
CA ILE A 29 -21.49 12.44 -1.86
C ILE A 29 -22.11 13.79 -2.28
N THR A 30 -22.83 14.40 -1.34
CA THR A 30 -23.60 15.61 -1.59
C THR A 30 -23.00 16.75 -0.79
N LEU A 31 -22.58 17.80 -1.50
CA LEU A 31 -21.97 18.98 -0.88
C LEU A 31 -22.74 20.27 -1.16
N GLU A 32 -22.77 21.19 -0.18
CA GLU A 32 -23.20 22.57 -0.43
C GLU A 32 -21.96 23.43 -0.61
N ARG A 33 -21.82 24.13 -1.72
CA ARG A 33 -20.63 25.00 -1.88
C ARG A 33 -20.48 25.98 -0.72
N GLY A 34 -19.25 26.17 -0.27
CA GLY A 34 -18.92 27.26 0.65
C GLY A 34 -18.54 28.48 -0.19
N PRO A 35 -17.94 29.50 0.45
CA PRO A 35 -17.45 30.66 -0.32
C PRO A 35 -16.18 30.31 -1.12
N ASP A 36 -15.48 29.26 -0.70
CA ASP A 36 -14.29 28.75 -1.40
C ASP A 36 -14.60 27.58 -2.35
N GLY A 37 -15.88 27.37 -2.69
CA GLY A 37 -16.30 26.31 -3.62
C GLY A 37 -16.57 25.01 -2.87
N LEU A 38 -16.33 23.87 -3.55
CA LEU A 38 -16.56 22.54 -3.02
C LEU A 38 -15.49 22.15 -2.00
N GLY A 39 -14.33 22.81 -2.09
CA GLY A 39 -13.26 22.61 -1.14
C GLY A 39 -12.34 21.41 -1.46
N PHE A 40 -12.06 21.19 -2.72
CA PHE A 40 -11.05 20.18 -3.07
C PHE A 40 -10.41 20.49 -4.42
N SER A 41 -9.28 19.84 -4.69
CA SER A 41 -8.65 19.96 -5.99
C SER A 41 -8.70 18.64 -6.72
N ILE A 42 -8.63 18.77 -8.04
CA ILE A 42 -8.58 17.61 -8.92
C ILE A 42 -7.33 17.61 -9.80
N VAL A 43 -6.91 16.41 -10.19
CA VAL A 43 -5.91 16.18 -11.21
C VAL A 43 -6.49 15.18 -12.21
N GLY A 44 -5.85 15.07 -13.37
CA GLY A 44 -6.24 14.06 -14.40
C GLY A 44 -7.04 14.68 -15.53
N GLY A 45 -7.66 13.84 -16.34
CA GLY A 45 -8.35 14.35 -17.51
C GLY A 45 -7.79 13.73 -18.77
N TYR A 46 -8.64 13.63 -19.78
CA TYR A 46 -8.16 13.21 -21.10
C TYR A 46 -7.10 14.20 -21.60
N GLY A 47 -5.92 13.71 -21.97
CA GLY A 47 -4.89 14.57 -22.56
C GLY A 47 -4.22 15.42 -21.48
N SER A 48 -4.36 15.00 -20.21
CA SER A 48 -3.74 15.70 -19.05
C SER A 48 -2.19 15.50 -19.08
N PRO A 49 -1.44 16.37 -18.37
CA PRO A 49 0.01 16.18 -18.32
C PRO A 49 0.46 14.79 -17.88
N HIS A 50 -0.34 14.07 -17.10
CA HIS A 50 0.01 12.72 -16.65
C HIS A 50 -0.42 11.61 -17.62
N GLY A 51 -1.12 11.97 -18.69
CA GLY A 51 -1.66 10.98 -19.66
C GLY A 51 -3.18 11.10 -19.75
N ASP A 52 -3.84 10.13 -20.37
CA ASP A 52 -5.31 10.17 -20.47
C ASP A 52 -5.81 9.52 -19.22
N LEU A 53 -6.27 10.36 -18.31
CA LEU A 53 -6.69 9.89 -16.97
C LEU A 53 -8.12 10.29 -16.70
N PRO A 54 -8.79 9.53 -15.84
CA PRO A 54 -10.04 9.97 -15.24
C PRO A 54 -9.76 11.17 -14.32
N ILE A 55 -10.82 11.66 -13.69
CA ILE A 55 -10.70 12.83 -12.79
C ILE A 55 -10.60 12.34 -11.37
N TYR A 56 -9.50 12.68 -10.69
CA TYR A 56 -9.21 12.18 -9.34
C TYR A 56 -9.16 13.35 -8.39
N VAL A 57 -9.74 13.17 -7.22
CA VAL A 57 -9.51 14.10 -6.11
C VAL A 57 -8.04 14.03 -5.64
N LYS A 58 -7.38 15.18 -5.58
CA LYS A 58 -5.98 15.23 -5.10
C LYS A 58 -5.94 15.66 -3.64
N THR A 59 -6.45 16.85 -3.35
CA THR A 59 -6.43 17.31 -1.95
C THR A 59 -7.83 17.72 -1.50
N VAL A 60 -8.21 17.33 -0.28
CA VAL A 60 -9.44 17.85 0.34
C VAL A 60 -9.02 18.88 1.36
N PHE A 61 -9.38 20.14 1.13
CA PHE A 61 -8.84 21.22 1.95
C PHE A 61 -9.45 21.32 3.35
N ALA A 62 -8.60 21.47 4.36
CA ALA A 62 -9.08 21.78 5.72
C ALA A 62 -10.11 22.95 5.68
N LYS A 63 -11.19 22.81 6.43
CA LYS A 63 -12.23 23.85 6.59
C LYS A 63 -13.20 24.03 5.42
N GLY A 64 -13.00 23.32 4.30
CA GLY A 64 -13.92 23.44 3.18
C GLY A 64 -15.13 22.51 3.26
N ALA A 65 -16.00 22.56 2.26
CA ALA A 65 -17.27 21.86 2.32
C ALA A 65 -17.01 20.35 2.25
N ALA A 66 -16.12 19.95 1.33
CA ALA A 66 -15.77 18.52 1.17
C ALA A 66 -15.17 17.97 2.48
N SER A 67 -14.35 18.78 3.16
CA SER A 67 -13.73 18.32 4.41
C SER A 67 -14.74 18.21 5.56
N GLU A 68 -15.62 19.21 5.67
CA GLU A 68 -16.61 19.23 6.75
C GLU A 68 -17.58 18.06 6.58
N ASP A 69 -17.88 17.72 5.33
CA ASP A 69 -18.76 16.60 5.04
C ASP A 69 -18.14 15.26 5.45
N GLY A 70 -16.82 15.16 5.24
CA GLY A 70 -15.96 14.10 5.75
C GLY A 70 -15.87 12.83 4.91
N ARG A 71 -16.54 12.79 3.77
CA ARG A 71 -16.52 11.56 2.94
C ARG A 71 -15.47 11.56 1.84
N LEU A 72 -15.41 12.65 1.09
CA LEU A 72 -14.51 12.69 -0.08
C LEU A 72 -13.06 12.61 0.34
N LYS A 73 -12.23 11.91 -0.42
CA LYS A 73 -10.84 11.74 -0.05
C LYS A 73 -9.90 11.63 -1.24
N ARG A 74 -8.64 11.98 -1.01
CA ARG A 74 -7.62 11.83 -2.04
C ARG A 74 -7.69 10.44 -2.71
N GLY A 75 -7.65 10.45 -4.04
CA GLY A 75 -7.71 9.18 -4.76
C GLY A 75 -9.09 8.82 -5.32
N ASP A 76 -10.13 9.38 -4.73
CA ASP A 76 -11.51 9.20 -5.31
C ASP A 76 -11.58 9.69 -6.76
N GLN A 77 -12.28 8.94 -7.59
CA GLN A 77 -12.48 9.26 -8.98
C GLN A 77 -13.89 9.79 -9.10
N ILE A 78 -14.00 10.98 -9.63
CA ILE A 78 -15.30 11.60 -9.79
C ILE A 78 -15.91 11.10 -11.12
N ILE A 79 -16.96 10.34 -10.98
CA ILE A 79 -17.63 9.71 -12.11
C ILE A 79 -18.74 10.59 -12.73
N ALA A 80 -19.48 11.29 -11.87
CA ALA A 80 -20.54 12.18 -12.34
C ALA A 80 -20.80 13.37 -11.42
N VAL A 81 -21.37 14.44 -11.97
CA VAL A 81 -21.68 15.62 -11.12
C VAL A 81 -23.13 15.93 -11.38
N ASN A 82 -24.01 15.72 -10.40
CA ASN A 82 -25.45 15.90 -10.58
C ASN A 82 -25.94 15.13 -11.80
N GLY A 83 -25.44 13.92 -11.94
CA GLY A 83 -25.88 13.02 -13.00
C GLY A 83 -25.21 13.22 -14.33
N GLN A 84 -24.40 14.26 -14.44
CA GLN A 84 -23.70 14.52 -15.68
C GLN A 84 -22.37 13.82 -15.62
N SER A 85 -22.16 12.86 -16.52
CA SER A 85 -20.93 12.05 -16.51
C SER A 85 -19.66 12.82 -16.83
N LEU A 86 -18.59 12.49 -16.12
CA LEU A 86 -17.26 12.98 -16.47
C LEU A 86 -16.49 12.00 -17.39
N GLU A 87 -17.16 11.00 -17.97
CA GLU A 87 -16.43 10.01 -18.75
C GLU A 87 -15.62 10.69 -19.84
N GLY A 88 -14.33 10.41 -19.87
CA GLY A 88 -13.43 10.90 -20.95
C GLY A 88 -13.20 12.40 -21.08
N VAL A 89 -13.63 13.19 -20.09
CA VAL A 89 -13.56 14.65 -20.21
C VAL A 89 -12.12 15.11 -20.04
N THR A 90 -11.77 16.28 -20.59
CA THR A 90 -10.48 16.90 -20.35
C THR A 90 -10.49 17.49 -18.93
N HIS A 91 -9.31 17.80 -18.41
CA HIS A 91 -9.20 18.50 -17.14
C HIS A 91 -10.12 19.73 -17.15
N GLU A 92 -9.96 20.56 -18.18
CA GLU A 92 -10.71 21.86 -18.23
C GLU A 92 -12.21 21.63 -18.29
N GLU A 93 -12.62 20.58 -19.00
CA GLU A 93 -14.04 20.24 -19.05
C GLU A 93 -14.59 19.88 -17.67
N ALA A 94 -13.83 19.07 -16.92
CA ALA A 94 -14.23 18.65 -15.58
C ALA A 94 -14.35 19.87 -14.66
N VAL A 95 -13.37 20.78 -14.73
CA VAL A 95 -13.37 21.97 -13.88
C VAL A 95 -14.63 22.81 -14.19
N ALA A 96 -14.95 22.97 -15.47
CA ALA A 96 -16.15 23.73 -15.87
C ALA A 96 -17.42 23.10 -15.30
N ILE A 97 -17.56 21.79 -15.42
CA ILE A 97 -18.76 21.10 -14.91
C ILE A 97 -18.85 21.22 -13.38
N LEU A 98 -17.71 21.03 -12.70
CA LEU A 98 -17.65 21.16 -11.25
C LEU A 98 -17.94 22.58 -10.75
N LYS A 99 -17.45 23.58 -11.47
CA LYS A 99 -17.61 24.96 -11.05
C LYS A 99 -18.93 25.65 -11.47
N ARG A 100 -19.61 25.14 -12.48
CA ARG A 100 -20.83 25.80 -12.97
C ARG A 100 -22.11 25.14 -12.46
N THR A 101 -22.02 23.90 -11.97
CA THR A 101 -23.20 23.13 -11.58
C THR A 101 -23.85 23.77 -10.38
N LYS A 102 -25.13 24.12 -10.56
CA LYS A 102 -25.84 25.02 -9.69
C LYS A 102 -26.38 24.33 -8.45
N GLY A 103 -26.23 25.01 -7.31
CA GLY A 103 -26.79 24.56 -6.05
C GLY A 103 -26.10 23.36 -5.44
N THR A 104 -26.87 22.58 -4.66
CA THR A 104 -26.44 21.35 -4.02
C THR A 104 -25.83 20.39 -5.04
N VAL A 105 -24.63 19.89 -4.72
CA VAL A 105 -23.85 19.16 -5.72
C VAL A 105 -23.74 17.73 -5.23
N THR A 106 -24.27 16.77 -6.02
CA THR A 106 -24.13 15.35 -5.68
C THR A 106 -23.06 14.77 -6.62
N LEU A 107 -21.97 14.30 -6.04
CA LEU A 107 -20.88 13.72 -6.80
C LEU A 107 -21.05 12.19 -6.75
N MET A 108 -21.01 11.53 -7.91
CA MET A 108 -20.97 10.08 -7.88
C MET A 108 -19.47 9.79 -7.98
N VAL A 109 -18.92 9.01 -7.05
CA VAL A 109 -17.45 8.77 -7.05
C VAL A 109 -17.19 7.27 -6.91
N LEU A 110 -16.05 6.82 -7.46
CA LEU A 110 -15.55 5.48 -7.23
C LEU A 110 -14.44 5.59 -6.20
N SER A 111 -14.58 4.89 -5.08
CA SER A 111 -13.70 5.12 -3.95
C SER A 111 -13.06 3.81 -3.48
N SER A 112 -11.85 3.90 -2.94
CA SER A 112 -11.17 2.72 -2.45
C SER A 112 -11.45 2.60 -0.98
N ASP A 113 -11.30 1.38 -0.50
CA ASP A 113 -11.35 1.04 0.88
CA ASP A 113 -11.35 1.06 0.91
C ASP A 113 -10.21 1.75 1.65
N GLU A 114 -9.05 1.86 0.99
CA GLU A 114 -7.88 2.45 1.68
C GLU A 114 -7.93 3.98 1.69
N THR A 115 -7.28 4.57 2.71
CA THR A 115 -7.26 6.04 2.84
C THR A 115 -5.82 6.52 3.07
N SER A 116 -5.38 7.53 2.30
CA SER A 116 -4.01 8.05 2.43
C SER A 116 -3.97 8.93 3.68
N VAL A 117 -2.87 8.85 4.41
CA VAL A 117 -2.62 9.70 5.58
C VAL A 117 -1.18 10.25 5.48
N LEU B 18 9.80 -23.34 9.81
CA LEU B 18 10.34 -22.52 10.95
C LEU B 18 10.56 -21.08 10.47
N TYR B 19 11.42 -20.90 9.48
CA TYR B 19 11.62 -19.59 8.85
C TYR B 19 10.30 -19.07 8.30
N PHE B 20 9.42 -20.02 7.94
CA PHE B 20 8.12 -19.66 7.36
C PHE B 20 7.02 -19.36 8.45
N GLN B 21 7.42 -19.38 9.83
CA GLN B 21 6.41 -19.02 10.83
C GLN B 21 6.59 -17.60 11.33
N SER B 22 5.54 -16.81 11.14
CA SER B 22 5.57 -15.41 11.48
C SER B 22 6.07 -15.29 12.90
N MET B 23 7.11 -14.46 13.10
CA MET B 23 7.50 -14.05 14.43
C MET B 23 7.05 -12.60 14.59
N PRO B 24 5.99 -12.36 15.41
CA PRO B 24 5.52 -10.97 15.58
C PRO B 24 6.56 -10.09 16.29
N GLN B 25 6.49 -8.77 16.07
CA GLN B 25 7.42 -7.84 16.67
C GLN B 25 6.65 -6.58 16.96
N CYS B 26 6.88 -5.98 18.13
CA CYS B 26 6.37 -4.62 18.40
CA CYS B 26 6.37 -4.62 18.39
C CYS B 26 7.47 -3.59 18.11
N LYS B 27 7.11 -2.52 17.43
CA LYS B 27 8.07 -1.47 17.06
C LYS B 27 7.39 -0.15 17.34
N SER B 28 8.22 0.86 17.61
CA SER B 28 7.77 2.22 17.56
C SER B 28 8.51 2.91 16.43
N ILE B 29 7.74 3.53 15.57
CA ILE B 29 8.27 4.15 14.37
C ILE B 29 7.85 5.61 14.43
N THR B 30 8.82 6.53 14.53
CA THR B 30 8.49 7.95 14.57
C THR B 30 8.58 8.57 13.17
N LEU B 31 7.51 9.25 12.74
CA LEU B 31 7.53 9.96 11.43
C LEU B 31 7.24 11.43 11.61
N GLU B 32 7.86 12.24 10.75
CA GLU B 32 7.52 13.67 10.65
C GLU B 32 6.71 13.84 9.35
N ARG B 33 5.57 14.51 9.39
CA ARG B 33 4.75 14.48 8.18
C ARG B 33 5.28 15.47 7.16
N GLY B 34 5.34 15.04 5.90
CA GLY B 34 5.75 15.93 4.79
C GLY B 34 4.61 16.79 4.24
N PRO B 35 4.83 17.45 3.09
CA PRO B 35 3.74 18.20 2.46
C PRO B 35 2.57 17.28 2.11
N ASP B 36 2.87 16.06 1.65
CA ASP B 36 1.83 15.07 1.37
C ASP B 36 1.51 14.14 2.55
N GLY B 37 1.67 14.63 3.79
CA GLY B 37 1.30 13.82 4.97
C GLY B 37 2.35 12.80 5.39
N LEU B 38 1.92 11.67 5.97
CA LEU B 38 2.84 10.66 6.55
C LEU B 38 3.33 9.70 5.46
N GLY B 39 2.57 9.58 4.38
CA GLY B 39 3.04 8.84 3.20
C GLY B 39 2.64 7.37 3.19
N PHE B 40 1.48 7.06 3.74
CA PHE B 40 0.98 5.70 3.61
C PHE B 40 -0.53 5.71 3.69
N SER B 41 -1.11 4.56 3.36
CA SER B 41 -2.55 4.38 3.39
C SER B 41 -2.90 3.30 4.42
N ILE B 42 -4.12 3.36 4.94
CA ILE B 42 -4.57 2.37 5.93
C ILE B 42 -5.89 1.74 5.46
N VAL B 43 -6.15 0.54 5.96
CA VAL B 43 -7.42 -0.17 5.75
C VAL B 43 -7.85 -0.66 7.14
N GLY B 44 -9.08 -1.15 7.27
CA GLY B 44 -9.62 -1.65 8.55
C GLY B 44 -10.34 -0.64 9.40
N GLY B 45 -10.62 -1.01 10.65
CA GLY B 45 -11.35 -0.13 11.57
C GLY B 45 -12.57 -0.77 12.23
N TYR B 46 -13.04 -0.14 13.30
CA TYR B 46 -14.21 -0.64 14.01
C TYR B 46 -15.41 -0.28 13.15
N GLY B 47 -16.37 -1.19 13.08
CA GLY B 47 -17.60 -0.99 12.31
C GLY B 47 -17.36 -0.91 10.81
N SER B 48 -16.20 -1.43 10.37
CA SER B 48 -15.78 -1.46 8.96
C SER B 48 -16.76 -2.31 8.19
N PRO B 49 -16.88 -2.09 6.85
CA PRO B 49 -17.85 -2.91 6.14
C PRO B 49 -17.41 -4.38 6.12
N HIS B 50 -16.10 -4.62 6.22
CA HIS B 50 -15.55 -5.97 6.28
C HIS B 50 -15.35 -6.52 7.71
N GLY B 51 -16.19 -6.06 8.64
CA GLY B 51 -16.18 -6.53 10.05
C GLY B 51 -15.32 -5.65 10.93
N ASP B 52 -15.48 -5.75 12.26
CA ASP B 52 -14.71 -4.88 13.18
C ASP B 52 -13.26 -5.30 13.27
N LEU B 53 -12.39 -4.67 12.50
CA LEU B 53 -11.00 -5.11 12.52
C LEU B 53 -10.03 -3.97 12.85
N PRO B 54 -8.77 -4.34 13.14
CA PRO B 54 -7.66 -3.45 13.40
C PRO B 54 -7.33 -2.54 12.21
N ILE B 55 -6.57 -1.49 12.52
CA ILE B 55 -6.02 -0.57 11.53
C ILE B 55 -4.69 -1.12 10.97
N TYR B 56 -4.65 -1.37 9.65
CA TYR B 56 -3.50 -1.94 8.99
C TYR B 56 -2.97 -0.98 7.97
N VAL B 57 -1.65 -0.98 7.84
CA VAL B 57 -0.97 -0.25 6.79
C VAL B 57 -1.22 -1.06 5.49
N LYS B 58 -1.71 -0.39 4.45
CA LYS B 58 -1.83 -1.03 3.13
C LYS B 58 -0.66 -0.69 2.19
N THR B 59 -0.54 0.57 1.78
CA THR B 59 0.55 0.93 0.87
C THR B 59 1.43 2.00 1.48
N VAL B 60 2.74 1.85 1.31
CA VAL B 60 3.69 2.84 1.78
C VAL B 60 4.17 3.47 0.50
N PHE B 61 3.87 4.76 0.33
CA PHE B 61 4.11 5.40 -0.95
C PHE B 61 5.57 5.70 -1.21
N ALA B 62 5.98 5.53 -2.46
CA ALA B 62 7.36 5.84 -2.79
C ALA B 62 7.60 7.35 -2.55
N LYS B 63 8.75 7.71 -2.01
CA LYS B 63 9.15 9.13 -1.78
C LYS B 63 8.53 9.88 -0.57
N GLY B 64 7.50 9.33 0.07
CA GLY B 64 6.90 9.97 1.26
C GLY B 64 7.69 9.71 2.55
N ALA B 65 7.21 10.25 3.68
CA ALA B 65 7.94 10.20 4.94
C ALA B 65 8.13 8.73 5.40
N ALA B 66 7.06 7.95 5.32
CA ALA B 66 7.10 6.55 5.81
C ALA B 66 8.14 5.74 5.03
N SER B 67 8.15 5.97 3.71
CA SER B 67 9.09 5.28 2.84
C SER B 67 10.53 5.69 3.14
N GLU B 68 10.77 6.99 3.29
CA GLU B 68 12.12 7.49 3.52
C GLU B 68 12.64 6.94 4.82
N ASP B 69 11.75 6.81 5.80
CA ASP B 69 12.15 6.22 7.09
C ASP B 69 12.54 4.73 6.97
N GLY B 70 11.81 4.01 6.14
CA GLY B 70 12.15 2.66 5.72
C GLY B 70 11.64 1.52 6.59
N ARG B 71 10.99 1.80 7.72
CA ARG B 71 10.54 0.71 8.61
C ARG B 71 9.10 0.23 8.38
N LEU B 72 8.16 1.15 8.22
CA LEU B 72 6.75 0.82 8.16
C LEU B 72 6.48 0.06 6.88
N LYS B 73 5.59 -0.92 6.93
CA LYS B 73 5.37 -1.75 5.72
C LYS B 73 3.96 -2.31 5.69
N ARG B 74 3.52 -2.70 4.49
CA ARG B 74 2.22 -3.35 4.31
C ARG B 74 1.98 -4.47 5.31
N GLY B 75 0.81 -4.46 5.92
CA GLY B 75 0.47 -5.47 6.90
C GLY B 75 0.69 -5.09 8.36
N ASP B 76 1.45 -4.02 8.63
CA ASP B 76 1.70 -3.60 10.02
C ASP B 76 0.42 -3.14 10.65
N GLN B 77 0.17 -3.52 11.89
CA GLN B 77 -1.05 -3.16 12.56
C GLN B 77 -0.72 -1.98 13.47
N ILE B 78 -1.47 -0.88 13.34
CA ILE B 78 -1.16 0.28 14.14
C ILE B 78 -1.94 0.17 15.45
N ILE B 79 -1.19 0.01 16.52
CA ILE B 79 -1.73 -0.19 17.87
C ILE B 79 -2.00 1.17 18.56
N ALA B 80 -1.10 2.12 18.36
CA ALA B 80 -1.23 3.43 19.06
C ALA B 80 -0.53 4.52 18.27
N VAL B 81 -0.93 5.76 18.55
CA VAL B 81 -0.36 6.95 17.86
C VAL B 81 0.04 7.92 18.97
N ASN B 82 1.34 8.22 19.09
CA ASN B 82 1.86 8.96 20.26
C ASN B 82 1.36 8.42 21.59
N GLY B 83 1.48 7.09 21.78
CA GLY B 83 1.23 6.43 23.06
C GLY B 83 -0.21 6.14 23.34
N GLN B 84 -1.09 6.76 22.56
CA GLN B 84 -2.54 6.62 22.69
C GLN B 84 -3.19 5.54 21.81
N SER B 85 -3.93 4.63 22.44
CA SER B 85 -4.49 3.46 21.75
C SER B 85 -5.37 3.78 20.58
N LEU B 86 -5.23 2.98 19.50
CA LEU B 86 -6.22 2.94 18.41
C LEU B 86 -7.31 1.91 18.62
N GLU B 87 -7.25 1.14 19.71
CA GLU B 87 -8.23 0.10 19.95
C GLU B 87 -9.62 0.67 19.95
N GLY B 88 -10.47 0.09 19.11
CA GLY B 88 -11.89 0.44 19.05
C GLY B 88 -12.22 1.63 18.18
N VAL B 89 -11.22 2.15 17.45
CA VAL B 89 -11.45 3.26 16.54
C VAL B 89 -12.07 2.81 15.22
N THR B 90 -12.92 3.68 14.66
CA THR B 90 -13.44 3.45 13.32
C THR B 90 -12.35 3.82 12.31
N HIS B 91 -12.55 3.43 11.06
CA HIS B 91 -11.64 3.81 9.99
C HIS B 91 -11.46 5.34 10.00
N GLU B 92 -12.57 6.07 10.00
CA GLU B 92 -12.59 7.53 9.96
C GLU B 92 -11.85 8.16 11.14
N GLU B 93 -12.09 7.63 12.34
CA GLU B 93 -11.41 8.12 13.55
C GLU B 93 -9.93 7.90 13.45
N ALA B 94 -9.50 6.73 12.96
CA ALA B 94 -8.06 6.48 12.80
C ALA B 94 -7.47 7.50 11.85
N VAL B 95 -8.14 7.72 10.72
CA VAL B 95 -7.68 8.72 9.77
C VAL B 95 -7.54 10.12 10.39
N ALA B 96 -8.58 10.55 11.08
CA ALA B 96 -8.59 11.84 11.78
C ALA B 96 -7.43 11.92 12.77
N ILE B 97 -7.17 10.83 13.53
CA ILE B 97 -6.07 10.80 14.52
C ILE B 97 -4.73 10.97 13.84
N LEU B 98 -4.46 10.10 12.85
CA LEU B 98 -3.27 10.21 12.04
C LEU B 98 -3.07 11.55 11.31
N LYS B 99 -4.15 12.19 10.88
CA LYS B 99 -3.98 13.45 10.14
C LYS B 99 -3.87 14.69 11.04
N ARG B 100 -4.50 14.63 12.20
CA ARG B 100 -4.57 15.78 13.11
C ARG B 100 -3.57 15.77 14.27
N THR B 101 -2.86 14.68 14.54
CA THR B 101 -1.93 14.73 15.67
C THR B 101 -0.78 15.66 15.33
N LYS B 102 -0.52 16.58 16.24
CA LYS B 102 0.43 17.66 15.99
C LYS B 102 1.84 17.21 16.31
N GLY B 103 2.80 17.76 15.56
CA GLY B 103 4.24 17.48 15.74
C GLY B 103 4.59 16.16 15.06
N THR B 104 5.55 15.46 15.65
CA THR B 104 5.98 14.15 15.20
CA THR B 104 5.92 14.15 15.10
C THR B 104 4.89 13.11 15.52
N VAL B 105 4.78 12.10 14.69
CA VAL B 105 3.80 11.04 14.91
C VAL B 105 4.58 9.75 15.17
N THR B 106 4.42 9.19 16.38
CA THR B 106 5.02 7.92 16.75
C THR B 106 3.97 6.83 16.68
N LEU B 107 4.21 5.89 15.76
CA LEU B 107 3.29 4.77 15.54
C LEU B 107 3.79 3.57 16.31
N MET B 108 2.99 3.07 17.26
CA MET B 108 3.26 1.78 17.91
C MET B 108 2.63 0.72 17.00
N VAL B 109 3.43 -0.23 16.53
CA VAL B 109 2.96 -1.09 15.48
C VAL B 109 3.23 -2.55 15.86
N LEU B 110 2.29 -3.46 15.50
CA LEU B 110 2.56 -4.91 15.54
C LEU B 110 2.92 -5.26 14.10
N SER B 111 4.11 -5.83 13.96
CA SER B 111 4.69 -6.10 12.66
C SER B 111 5.13 -7.56 12.68
N SER B 112 5.76 -7.99 11.61
CA SER B 112 6.25 -9.35 11.54
C SER B 112 7.55 -9.30 10.76
N ASP B 113 8.26 -10.42 10.78
CA ASP B 113 9.56 -10.54 10.16
C ASP B 113 9.47 -10.67 8.62
N GLU B 114 8.27 -10.84 8.09
CA GLU B 114 8.06 -11.11 6.67
C GLU B 114 7.80 -9.75 6.00
N THR B 115 8.28 -9.59 4.77
CA THR B 115 8.06 -8.30 4.08
C THR B 115 7.65 -8.53 2.64
N SER B 116 6.52 -7.90 2.27
CA SER B 116 6.02 -7.98 0.88
C SER B 116 6.80 -7.03 -0.01
N VAL B 117 7.07 -7.51 -1.20
CA VAL B 117 7.87 -6.79 -2.20
C VAL B 117 7.21 -6.91 -3.55
N GLY C 14 10.72 -46.88 2.74
CA GLY C 14 12.07 -47.43 2.41
C GLY C 14 12.74 -46.48 1.44
N THR C 15 13.46 -47.03 0.46
CA THR C 15 14.15 -46.13 -0.49
C THR C 15 13.30 -45.53 -1.68
N GLU C 16 12.12 -45.03 -1.34
CA GLU C 16 11.75 -43.72 -1.87
C GLU C 16 12.72 -42.72 -1.24
N ASN C 17 13.54 -43.18 -0.28
CA ASN C 17 14.48 -42.29 0.41
C ASN C 17 15.42 -41.45 -0.50
N LEU C 18 15.86 -42.04 -1.62
CA LEU C 18 16.65 -41.31 -2.63
C LEU C 18 15.86 -40.16 -3.29
N TYR C 19 14.56 -40.39 -3.48
CA TYR C 19 13.68 -39.35 -4.02
C TYR C 19 13.57 -38.16 -3.07
N PHE C 20 13.93 -38.35 -1.79
CA PHE C 20 13.87 -37.19 -0.85
C PHE C 20 15.18 -36.44 -0.66
N GLN C 21 16.22 -36.86 -1.38
CA GLN C 21 17.44 -36.01 -1.52
C GLN C 21 17.19 -34.85 -2.49
N SER C 22 17.18 -33.60 -2.00
CA SER C 22 16.89 -32.43 -2.79
C SER C 22 17.82 -32.34 -3.99
N MET C 23 17.26 -31.90 -5.10
CA MET C 23 18.05 -31.63 -6.31
C MET C 23 17.89 -30.16 -6.61
N PRO C 24 18.92 -29.37 -6.26
CA PRO C 24 18.83 -27.92 -6.39
C PRO C 24 18.82 -27.51 -7.88
N GLN C 25 18.25 -26.36 -8.18
CA GLN C 25 18.19 -25.86 -9.53
C GLN C 25 18.29 -24.33 -9.51
N CYS C 26 19.27 -23.78 -10.22
CA CYS C 26 19.35 -22.33 -10.35
C CYS C 26 18.45 -21.87 -11.50
N LYS C 27 17.81 -20.74 -11.31
CA LYS C 27 16.77 -20.27 -12.21
C LYS C 27 16.93 -18.76 -12.32
N SER C 28 16.63 -18.25 -13.50
CA SER C 28 16.55 -16.81 -13.68
C SER C 28 15.14 -16.41 -14.05
N ILE C 29 14.49 -15.73 -13.11
CA ILE C 29 13.09 -15.44 -13.21
C ILE C 29 12.96 -13.95 -13.41
N THR C 30 12.46 -13.60 -14.60
CA THR C 30 12.27 -12.20 -14.94
C THR C 30 10.81 -11.80 -14.73
N LEU C 31 10.61 -10.73 -13.95
CA LEU C 31 9.29 -10.24 -13.63
C LEU C 31 9.21 -8.77 -14.02
N GLU C 32 8.04 -8.34 -14.47
CA GLU C 32 7.71 -6.93 -14.57
C GLU C 32 6.84 -6.55 -13.34
N ARG C 33 7.24 -5.52 -12.60
CA ARG C 33 6.48 -5.08 -11.40
C ARG C 33 5.02 -4.73 -11.71
N GLY C 34 4.13 -5.20 -10.85
CA GLY C 34 2.70 -4.87 -10.91
C GLY C 34 2.39 -3.69 -10.00
N PRO C 35 1.11 -3.32 -9.88
CA PRO C 35 0.72 -2.29 -8.90
C PRO C 35 1.23 -2.60 -7.48
N ASP C 36 1.14 -3.87 -7.07
CA ASP C 36 1.60 -4.28 -5.74
C ASP C 36 3.01 -4.86 -5.77
N GLY C 37 3.90 -4.23 -6.54
CA GLY C 37 5.30 -4.65 -6.67
C GLY C 37 5.45 -6.01 -7.36
N LEU C 38 6.35 -6.83 -6.85
CA LEU C 38 6.67 -8.09 -7.49
C LEU C 38 5.68 -9.20 -7.18
N GLY C 39 4.90 -9.02 -6.10
CA GLY C 39 3.90 -9.99 -5.67
C GLY C 39 4.38 -11.20 -4.87
N PHE C 40 5.36 -11.01 -3.99
CA PHE C 40 5.76 -12.06 -3.07
C PHE C 40 6.35 -11.42 -1.83
N SER C 41 6.43 -12.21 -0.76
CA SER C 41 7.06 -11.79 0.48
C SER C 41 8.31 -12.59 0.71
N ILE C 42 9.20 -12.00 1.47
CA ILE C 42 10.45 -12.60 1.86
C ILE C 42 10.67 -12.65 3.37
N VAL C 43 11.43 -13.65 3.79
CA VAL C 43 11.90 -13.80 5.18
C VAL C 43 13.40 -14.09 5.18
N GLY C 44 14.04 -13.93 6.31
CA GLY C 44 15.45 -14.25 6.40
C GLY C 44 16.36 -13.06 6.33
N GLY C 45 17.66 -13.32 6.21
CA GLY C 45 18.63 -12.25 6.24
C GLY C 45 19.59 -12.54 7.38
N TYR C 46 20.75 -11.92 7.28
CA TYR C 46 21.70 -11.87 8.34
C TYR C 46 21.12 -11.14 9.55
N GLY C 47 21.27 -11.74 10.74
CA GLY C 47 20.74 -11.20 11.99
C GLY C 47 19.22 -11.10 12.03
N SER C 48 18.53 -11.94 11.26
CA SER C 48 17.06 -11.88 11.22
C SER C 48 16.50 -12.55 12.49
N PRO C 49 15.22 -12.30 12.82
CA PRO C 49 14.65 -12.92 14.01
C PRO C 49 14.80 -14.45 14.03
N HIS C 50 14.88 -15.08 12.86
CA HIS C 50 15.06 -16.54 12.78
C HIS C 50 16.52 -16.96 12.83
N GLY C 51 17.43 -16.00 12.94
CA GLY C 51 18.86 -16.27 12.92
C GLY C 51 19.47 -15.78 11.62
N ASP C 52 20.73 -16.13 11.40
CA ASP C 52 21.48 -15.71 10.23
C ASP C 52 21.14 -16.60 9.03
N LEU C 53 20.20 -16.11 8.22
CA LEU C 53 19.63 -16.84 7.10
C LEU C 53 19.89 -16.13 5.78
N PRO C 54 19.82 -16.87 4.66
CA PRO C 54 19.68 -16.27 3.33
C PRO C 54 18.31 -15.60 3.20
N ILE C 55 18.07 -14.97 2.07
CA ILE C 55 16.75 -14.41 1.79
C ILE C 55 15.90 -15.48 1.09
N TYR C 56 14.79 -15.87 1.73
CA TYR C 56 13.84 -16.85 1.20
C TYR C 56 12.51 -16.22 0.82
N VAL C 57 11.94 -16.72 -0.27
CA VAL C 57 10.57 -16.46 -0.65
C VAL C 57 9.67 -17.16 0.34
N LYS C 58 8.76 -16.43 0.96
CA LYS C 58 7.80 -17.04 1.88
C LYS C 58 6.48 -17.31 1.17
N THR C 59 5.80 -16.24 0.74
CA THR C 59 4.47 -16.37 0.14
C THR C 59 4.46 -15.72 -1.22
N VAL C 60 3.84 -16.40 -2.20
CA VAL C 60 3.66 -15.85 -3.53
C VAL C 60 2.17 -15.53 -3.64
N PHE C 61 1.84 -14.26 -3.86
CA PHE C 61 0.45 -13.83 -3.71
C PHE C 61 -0.36 -13.98 -4.98
N ALA C 62 -1.62 -14.36 -4.84
CA ALA C 62 -2.50 -14.49 -6.00
C ALA C 62 -2.62 -13.14 -6.73
N LYS C 63 -2.67 -13.19 -8.06
CA LYS C 63 -2.88 -12.04 -8.93
C LYS C 63 -1.63 -11.17 -9.14
N GLY C 64 -0.56 -11.43 -8.40
CA GLY C 64 0.69 -10.69 -8.56
C GLY C 64 1.59 -11.20 -9.67
N ALA C 65 2.66 -10.44 -9.98
CA ALA C 65 3.53 -10.75 -11.11
C ALA C 65 4.23 -12.11 -10.93
N ALA C 66 4.76 -12.35 -9.74
CA ALA C 66 5.42 -13.63 -9.45
C ALA C 66 4.45 -14.81 -9.66
N SER C 67 3.23 -14.69 -9.18
CA SER C 67 2.22 -15.71 -9.45
C SER C 67 1.92 -15.88 -10.94
N GLU C 68 1.73 -14.76 -11.65
CA GLU C 68 1.35 -14.82 -13.06
C GLU C 68 2.45 -15.48 -13.90
N ASP C 69 3.71 -15.20 -13.54
CA ASP C 69 4.84 -15.88 -14.17
C ASP C 69 4.89 -17.38 -13.86
N GLY C 70 4.51 -17.74 -12.63
CA GLY C 70 4.31 -19.15 -12.27
C GLY C 70 5.47 -19.97 -11.75
N ARG C 71 6.68 -19.42 -11.75
CA ARG C 71 7.86 -20.20 -11.37
C ARG C 71 8.27 -20.08 -9.89
N LEU C 72 8.37 -18.85 -9.42
CA LEU C 72 8.81 -18.59 -8.06
C LEU C 72 7.92 -19.33 -7.05
N LYS C 73 8.52 -19.83 -5.98
CA LYS C 73 7.72 -20.56 -4.96
C LYS C 73 8.34 -20.46 -3.58
N ARG C 74 7.51 -20.69 -2.57
CA ARG C 74 7.96 -20.73 -1.17
C ARG C 74 9.23 -21.57 -1.03
N GLY C 75 10.21 -21.00 -0.34
CA GLY C 75 11.47 -21.68 -0.05
C GLY C 75 12.60 -21.37 -1.04
N ASP C 76 12.27 -20.83 -2.21
CA ASP C 76 13.32 -20.34 -3.13
C ASP C 76 14.21 -19.32 -2.41
N GLN C 77 15.50 -19.40 -2.67
CA GLN C 77 16.47 -18.49 -2.07
C GLN C 77 16.86 -17.48 -3.13
N ILE C 78 16.70 -16.19 -2.83
CA ILE C 78 17.06 -15.18 -3.80
C ILE C 78 18.55 -14.87 -3.71
N ILE C 79 19.29 -15.18 -4.77
CA ILE C 79 20.73 -14.99 -4.82
C ILE C 79 21.11 -13.60 -5.30
N ALA C 80 20.36 -13.09 -6.26
CA ALA C 80 20.69 -11.79 -6.85
C ALA C 80 19.47 -11.13 -7.44
N VAL C 81 19.49 -9.79 -7.51
CA VAL C 81 18.40 -9.02 -8.06
C VAL C 81 19.00 -8.09 -9.11
N ASN C 82 18.67 -8.32 -10.39
CA ASN C 82 19.32 -7.67 -11.54
C ASN C 82 20.85 -7.70 -11.43
N GLY C 83 21.39 -8.84 -11.01
CA GLY C 83 22.84 -9.01 -10.79
C GLY C 83 23.42 -8.51 -9.47
N GLN C 84 22.62 -7.86 -8.61
CA GLN C 84 23.16 -7.33 -7.34
C GLN C 84 23.10 -8.45 -6.32
N SER C 85 24.25 -8.85 -5.76
CA SER C 85 24.24 -10.01 -4.83
C SER C 85 23.41 -9.73 -3.56
N LEU C 86 22.59 -10.68 -3.13
CA LEU C 86 22.02 -10.66 -1.78
C LEU C 86 22.84 -11.52 -0.81
N GLU C 87 24.07 -11.90 -1.17
CA GLU C 87 24.89 -12.76 -0.30
C GLU C 87 25.18 -12.06 1.02
N GLY C 88 24.69 -12.65 2.11
CA GLY C 88 25.04 -12.19 3.45
C GLY C 88 24.38 -10.89 3.85
N VAL C 89 23.36 -10.45 3.10
CA VAL C 89 22.69 -9.18 3.41
C VAL C 89 21.70 -9.32 4.58
N THR C 90 21.42 -8.20 5.24
CA THR C 90 20.36 -8.15 6.25
C THR C 90 19.00 -8.14 5.56
N HIS C 91 17.94 -8.38 6.35
CA HIS C 91 16.58 -8.35 5.82
C HIS C 91 16.34 -6.99 5.24
N GLU C 92 16.71 -5.93 5.97
CA GLU C 92 16.42 -4.58 5.50
C GLU C 92 17.21 -4.25 4.21
N GLU C 93 18.42 -4.79 4.08
CA GLU C 93 19.23 -4.61 2.88
C GLU C 93 18.57 -5.24 1.66
N ALA C 94 18.04 -6.46 1.86
CA ALA C 94 17.36 -7.19 0.80
C ALA C 94 16.11 -6.45 0.33
N VAL C 95 15.30 -5.96 1.30
CA VAL C 95 14.09 -5.20 1.01
C VAL C 95 14.42 -3.95 0.20
N ALA C 96 15.42 -3.21 0.67
CA ALA C 96 15.89 -2.00 -0.02
C ALA C 96 16.17 -2.30 -1.50
N ILE C 97 16.98 -3.31 -1.75
CA ILE C 97 17.33 -3.74 -3.10
C ILE C 97 16.10 -4.09 -3.93
N LEU C 98 15.20 -4.90 -3.36
CA LEU C 98 14.01 -5.36 -4.07
C LEU C 98 12.98 -4.24 -4.36
N LYS C 99 12.88 -3.30 -3.43
CA LYS C 99 11.92 -2.20 -3.48
C LYS C 99 12.37 -1.11 -4.46
N ARG C 100 13.68 -0.88 -4.53
CA ARG C 100 14.21 0.23 -5.34
C ARG C 100 14.58 -0.18 -6.80
N THR C 101 14.37 -1.44 -7.16
CA THR C 101 14.56 -1.81 -8.56
C THR C 101 13.29 -1.46 -9.35
N LYS C 102 13.48 -0.94 -10.56
CA LYS C 102 12.35 -0.43 -11.33
C LYS C 102 12.17 -1.17 -12.66
N GLY C 103 10.92 -1.48 -13.00
CA GLY C 103 10.59 -1.96 -14.33
C GLY C 103 10.75 -3.45 -14.40
N THR C 104 11.67 -3.92 -15.26
CA THR C 104 11.88 -5.36 -15.41
C THR C 104 12.90 -5.85 -14.37
N VAL C 105 12.54 -6.89 -13.61
CA VAL C 105 13.41 -7.39 -12.55
C VAL C 105 13.77 -8.84 -12.77
N THR C 106 15.07 -9.15 -12.76
CA THR C 106 15.57 -10.50 -12.98
C THR C 106 16.02 -11.04 -11.64
N LEU C 107 15.35 -12.10 -11.19
CA LEU C 107 15.69 -12.75 -9.93
C LEU C 107 16.49 -14.00 -10.19
N MET C 108 17.73 -14.02 -9.71
CA MET C 108 18.51 -15.26 -9.71
C MET C 108 18.17 -15.98 -8.45
N VAL C 109 17.66 -17.21 -8.58
CA VAL C 109 17.13 -17.89 -7.41
C VAL C 109 17.62 -19.30 -7.40
N LEU C 110 17.86 -19.77 -6.19
CA LEU C 110 18.27 -21.16 -5.95
C LEU C 110 17.01 -21.87 -5.48
N SER C 111 16.55 -22.84 -6.26
CA SER C 111 15.30 -23.54 -5.95
C SER C 111 15.58 -25.04 -5.77
N SER C 112 14.56 -25.79 -5.41
CA SER C 112 14.73 -27.20 -5.21
C SER C 112 13.55 -27.90 -5.88
N ASP C 113 13.67 -29.21 -6.04
CA ASP C 113 12.61 -29.98 -6.70
C ASP C 113 11.35 -30.05 -5.82
N GLU C 114 11.53 -30.11 -4.49
CA GLU C 114 10.37 -30.17 -3.55
C GLU C 114 9.47 -28.90 -3.63
N THR C 115 8.16 -29.08 -3.47
CA THR C 115 7.24 -27.92 -3.45
C THR C 115 6.28 -28.07 -2.25
N SER C 116 6.17 -27.00 -1.45
CA SER C 116 5.20 -26.89 -0.35
C SER C 116 3.79 -26.62 -0.85
N VAL C 117 2.81 -27.31 -0.28
CA VAL C 117 1.43 -27.12 -0.67
C VAL C 117 0.56 -27.01 0.60
#